data_7F7M
#
_entry.id   7F7M
#
_cell.length_a   77.640
_cell.length_b   77.640
_cell.length_c   451.888
_cell.angle_alpha   90.000
_cell.angle_beta   90.000
_cell.angle_gamma   120.000
#
_symmetry.space_group_name_H-M   'P 61 2 2'
#
loop_
_entity.id
_entity.type
_entity.pdbx_description
1 polymer AKR4-2
2 non-polymer GLYPHOSATE
3 non-polymer 'NADP NICOTINAMIDE-ADENINE-DINUCLEOTIDE PHOSPHATE'
4 non-polymer 'SULFATE ION'
5 water water
#
_entity_poly.entity_id   1
_entity_poly.type   'polypeptide(L)'
_entity_poly.pdbx_seq_one_letter_code
;GAGAGAGAGAGMARHFVLNTGAKIPSVGLGTWQSDPGVVGDAVYTAVKAGYRHIDCAKVYGNEKEIGLALKKLFEEGVVK
REDLFITSKLWNDRHAPEDVPEALNESLTDLQLDYLDLYLIHWPFRVKKGTNTSPENFITPDIPATWGAMEKCYDAGKAR
AIGVSNFSSKKLGDLLAVARVHPAVDQVECHPGWQQTKLHNFCQSTGVHLTAYSPLGSPGTTWMNGNVLKEPVIISIAEK
LGKTPAQVALRWNIQMGHSVLPKSTNEERIKQNLDVYDWSIPDDLLAKFSEIKQARLLRGNFIVNPQSVYKTHEELWDGE
L
;
_entity_poly.pdbx_strand_id   A,B
#
# COMPACT_ATOMS: atom_id res chain seq x y z
N ALA A 13 -37.27 8.67 -8.60
CA ALA A 13 -36.45 7.46 -8.79
C ALA A 13 -35.34 7.43 -7.73
N ARG A 14 -35.43 8.36 -6.76
CA ARG A 14 -34.34 8.77 -5.89
C ARG A 14 -34.06 7.85 -4.73
N HIS A 15 -34.96 6.93 -4.43
N HIS A 15 -34.96 6.92 -4.42
CA HIS A 15 -34.77 6.01 -3.32
CA HIS A 15 -34.74 5.99 -3.33
C HIS A 15 -35.20 4.62 -3.77
C HIS A 15 -35.20 4.61 -3.76
N PHE A 16 -34.59 3.60 -3.18
CA PHE A 16 -35.09 2.25 -3.28
C PHE A 16 -35.41 1.83 -1.86
N VAL A 17 -36.34 0.90 -1.70
CA VAL A 17 -36.78 0.46 -0.38
C VAL A 17 -36.12 -0.88 -0.07
N LEU A 18 -35.39 -0.95 1.02
CA LEU A 18 -34.84 -2.21 1.47
C LEU A 18 -35.92 -3.08 2.12
N ASN A 19 -35.62 -4.38 2.24
CA ASN A 19 -36.54 -5.31 2.89
C ASN A 19 -36.76 -5.03 4.39
N THR A 20 -36.01 -4.11 4.98
CA THR A 20 -36.29 -3.63 6.33
C THR A 20 -37.34 -2.53 6.35
N GLY A 21 -37.67 -1.96 5.19
CA GLY A 21 -38.54 -0.83 5.08
C GLY A 21 -37.85 0.50 4.88
N ALA A 22 -36.53 0.58 5.14
CA ALA A 22 -35.82 1.84 5.04
C ALA A 22 -35.49 2.18 3.59
N LYS A 23 -35.30 3.46 3.35
CA LYS A 23 -35.01 3.97 2.01
C LYS A 23 -33.49 4.08 1.84
N ILE A 24 -32.98 3.55 0.73
CA ILE A 24 -31.58 3.76 0.42
C ILE A 24 -31.50 4.77 -0.73
N PRO A 25 -30.77 5.87 -0.56
CA PRO A 25 -30.62 6.81 -1.68
C PRO A 25 -30.00 6.13 -2.89
N SER A 26 -30.57 6.41 -4.06
CA SER A 26 -30.17 5.72 -5.28
C SER A 26 -28.72 6.01 -5.65
N VAL A 27 -28.25 7.24 -5.40
CA VAL A 27 -26.86 7.61 -5.65
C VAL A 27 -26.16 7.73 -4.31
N GLY A 28 -25.03 7.03 -4.17
CA GLY A 28 -24.16 7.21 -3.03
C GLY A 28 -22.78 7.61 -3.51
N LEU A 29 -21.98 8.22 -2.65
CA LEU A 29 -20.59 8.56 -2.98
C LEU A 29 -19.66 7.45 -2.53
N GLY A 30 -19.00 6.79 -3.49
CA GLY A 30 -17.97 5.83 -3.14
C GLY A 30 -16.73 6.54 -2.62
N THR A 31 -16.05 5.90 -1.65
CA THR A 31 -14.88 6.50 -1.03
C THR A 31 -13.65 5.60 -1.07
N TRP A 32 -13.77 4.41 -1.64
CA TRP A 32 -12.57 3.62 -1.92
C TRP A 32 -11.57 4.45 -2.70
N GLN A 33 -10.30 4.38 -2.28
CA GLN A 33 -9.18 4.98 -3.00
C GLN A 33 -9.25 6.51 -3.05
N SER A 34 -9.96 7.12 -2.12
CA SER A 34 -9.90 8.57 -1.93
C SER A 34 -8.94 8.82 -0.76
N ASP A 35 -7.73 9.28 -1.10
CA ASP A 35 -6.68 9.56 -0.14
C ASP A 35 -7.24 10.39 1.03
N PRO A 36 -6.82 10.07 2.30
CA PRO A 36 -7.30 10.81 3.48
C PRO A 36 -7.40 12.32 3.35
N GLY A 37 -6.41 12.93 2.68
CA GLY A 37 -6.39 14.38 2.55
C GLY A 37 -7.60 14.94 1.83
N VAL A 38 -8.16 14.20 0.87
CA VAL A 38 -9.17 14.76 -0.03
C VAL A 38 -10.55 14.13 0.14
N VAL A 39 -10.67 13.02 0.87
CA VAL A 39 -11.98 12.38 0.99
C VAL A 39 -12.94 13.28 1.77
N GLY A 40 -12.45 13.99 2.79
CA GLY A 40 -13.33 14.88 3.53
C GLY A 40 -13.95 15.95 2.65
N ASP A 41 -13.13 16.58 1.82
CA ASP A 41 -13.63 17.58 0.89
C ASP A 41 -14.71 17.00 -0.01
N ALA A 42 -14.49 15.77 -0.50
CA ALA A 42 -15.42 15.14 -1.43
C ALA A 42 -16.75 14.83 -0.76
N VAL A 43 -16.71 14.18 0.41
CA VAL A 43 -17.92 13.93 1.19
C VAL A 43 -18.65 15.24 1.46
N TYR A 44 -17.88 16.26 1.86
CA TYR A 44 -18.44 17.59 2.08
C TYR A 44 -19.10 18.15 0.81
N THR A 45 -18.36 18.12 -0.31
CA THR A 45 -18.89 18.69 -1.55
C THR A 45 -20.12 17.91 -2.01
N ALA A 46 -20.04 16.58 -1.98
CA ALA A 46 -21.14 15.77 -2.45
C ALA A 46 -22.40 16.01 -1.63
N VAL A 47 -22.27 16.12 -0.32
CA VAL A 47 -23.48 16.25 0.49
C VAL A 47 -24.09 17.64 0.31
N LYS A 48 -23.25 18.68 0.23
CA LYS A 48 -23.76 20.01 -0.08
C LYS A 48 -24.36 20.07 -1.49
N ALA A 49 -23.85 19.25 -2.42
CA ALA A 49 -24.44 19.14 -3.75
C ALA A 49 -25.71 18.30 -3.78
N GLY A 50 -26.02 17.58 -2.70
CA GLY A 50 -27.29 16.89 -2.61
C GLY A 50 -27.22 15.39 -2.42
N TYR A 51 -26.02 14.84 -2.21
CA TYR A 51 -25.89 13.43 -1.88
C TYR A 51 -26.43 13.15 -0.48
N ARG A 52 -27.06 11.98 -0.31
CA ARG A 52 -27.60 11.57 0.98
C ARG A 52 -27.12 10.17 1.40
N HIS A 53 -26.11 9.63 0.73
CA HIS A 53 -25.66 8.25 0.84
C HIS A 53 -24.15 8.31 0.70
N ILE A 54 -23.42 7.77 1.67
CA ILE A 54 -21.96 7.65 1.59
C ILE A 54 -21.56 6.20 1.88
N ASP A 55 -20.76 5.60 0.99
CA ASP A 55 -20.28 4.23 1.13
C ASP A 55 -18.84 4.24 1.65
N CYS A 56 -18.63 3.67 2.83
CA CYS A 56 -17.33 3.63 3.47
C CYS A 56 -16.89 2.19 3.67
N ALA A 57 -15.63 2.02 4.06
CA ALA A 57 -15.15 0.71 4.48
C ALA A 57 -13.97 0.95 5.40
N LYS A 58 -13.85 0.07 6.40
CA LYS A 58 -12.77 0.23 7.38
C LYS A 58 -11.42 -0.09 6.76
N VAL A 59 -11.39 -1.02 5.79
CA VAL A 59 -10.15 -1.38 5.14
C VAL A 59 -9.64 -0.24 4.28
N TYR A 60 -10.48 0.75 3.94
CA TYR A 60 -10.00 1.89 3.19
C TYR A 60 -9.18 2.82 4.05
N GLY A 61 -9.25 2.67 5.37
CA GLY A 61 -8.45 3.47 6.30
C GLY A 61 -8.61 4.97 6.16
N ASN A 62 -9.82 5.46 5.82
CA ASN A 62 -10.07 6.88 5.73
C ASN A 62 -11.33 7.29 6.49
N GLU A 63 -11.79 6.46 7.43
CA GLU A 63 -13.07 6.74 8.09
C GLU A 63 -12.97 7.89 9.08
N LYS A 64 -11.80 8.06 9.72
CA LYS A 64 -11.60 9.21 10.60
C LYS A 64 -11.85 10.50 9.84
N GLU A 65 -11.22 10.64 8.66
CA GLU A 65 -11.40 11.84 7.86
C GLU A 65 -12.84 11.97 7.35
N ILE A 66 -13.46 10.83 7.01
CA ILE A 66 -14.88 10.88 6.63
C ILE A 66 -15.72 11.33 7.82
N GLY A 67 -15.37 10.88 9.03
CA GLY A 67 -16.13 11.28 10.20
C GLY A 67 -16.13 12.78 10.42
N LEU A 68 -14.97 13.42 10.21
CA LEU A 68 -14.84 14.85 10.48
C LEU A 68 -15.59 15.67 9.44
N ALA A 69 -15.63 15.21 8.18
CA ALA A 69 -16.46 15.87 7.18
C ALA A 69 -17.94 15.76 7.53
N LEU A 70 -18.37 14.59 8.01
CA LEU A 70 -19.76 14.44 8.43
C LEU A 70 -20.11 15.40 9.56
N LYS A 71 -19.26 15.46 10.59
CA LYS A 71 -19.58 16.31 11.74
C LYS A 71 -19.59 17.79 11.36
N LYS A 72 -18.69 18.21 10.47
CA LYS A 72 -18.75 19.57 9.97
C LYS A 72 -20.06 19.81 9.22
N LEU A 73 -20.49 18.85 8.39
CA LEU A 73 -21.77 18.97 7.72
C LEU A 73 -22.92 19.12 8.72
N PHE A 74 -22.88 18.34 9.80
CA PHE A 74 -23.90 18.46 10.83
C PHE A 74 -23.81 19.83 11.52
N GLU A 75 -22.58 20.28 11.76
CA GLU A 75 -22.39 21.50 12.55
C GLU A 75 -22.87 22.73 11.78
N GLU A 76 -22.67 22.76 10.46
CA GLU A 76 -23.22 23.84 9.64
C GLU A 76 -24.71 23.65 9.34
N GLY A 77 -25.34 22.63 9.91
CA GLY A 77 -26.71 22.32 9.56
C GLY A 77 -26.96 22.06 8.08
N VAL A 78 -25.97 21.54 7.35
CA VAL A 78 -26.27 21.18 5.96
C VAL A 78 -27.28 20.03 5.92
N VAL A 79 -27.14 19.07 6.83
CA VAL A 79 -28.11 17.98 6.99
C VAL A 79 -28.11 17.55 8.46
N LYS A 80 -29.10 16.75 8.82
CA LYS A 80 -29.11 16.03 10.09
C LYS A 80 -28.72 14.57 9.87
N ARG A 81 -28.36 13.92 10.98
CA ARG A 81 -27.93 12.53 10.92
C ARG A 81 -28.96 11.69 10.19
N GLU A 82 -30.23 11.82 10.58
CA GLU A 82 -31.24 10.97 9.96
C GLU A 82 -31.41 11.25 8.47
N ASP A 83 -30.86 12.37 7.96
CA ASP A 83 -30.95 12.66 6.53
C ASP A 83 -30.02 11.77 5.70
N LEU A 84 -29.01 11.17 6.33
CA LEU A 84 -27.92 10.51 5.62
C LEU A 84 -28.00 8.99 5.75
N PHE A 85 -27.52 8.32 4.71
CA PHE A 85 -27.36 6.88 4.65
C PHE A 85 -25.86 6.60 4.66
N ILE A 86 -25.38 6.02 5.75
CA ILE A 86 -23.95 5.76 5.96
C ILE A 86 -23.76 4.26 6.02
N THR A 87 -22.90 3.74 5.14
CA THR A 87 -22.56 2.33 5.07
C THR A 87 -21.11 2.15 5.47
N SER A 88 -20.80 1.05 6.15
CA SER A 88 -19.42 0.60 6.22
C SER A 88 -19.41 -0.92 6.17
N LYS A 89 -18.21 -1.51 6.28
CA LYS A 89 -18.00 -2.90 5.96
C LYS A 89 -17.14 -3.58 7.03
N LEU A 90 -17.41 -4.86 7.27
CA LEU A 90 -16.63 -5.69 8.16
C LEU A 90 -15.52 -6.37 7.36
N TRP A 91 -14.26 -6.03 7.66
CA TRP A 91 -13.15 -6.54 6.88
C TRP A 91 -12.89 -8.01 7.22
N ASN A 92 -12.12 -8.66 6.34
CA ASN A 92 -11.94 -10.11 6.34
C ASN A 92 -11.29 -10.67 7.61
N ASP A 93 -10.61 -9.85 8.40
CA ASP A 93 -9.98 -10.37 9.60
C ASP A 93 -10.85 -10.26 10.84
N ARG A 94 -12.09 -9.82 10.71
CA ARG A 94 -13.01 -9.73 11.84
C ARG A 94 -14.23 -10.63 11.69
N HIS A 95 -14.11 -11.77 10.99
CA HIS A 95 -15.26 -12.66 10.79
C HIS A 95 -15.59 -13.47 12.05
N ALA A 96 -14.63 -13.73 12.93
CA ALA A 96 -14.94 -14.44 14.16
C ALA A 96 -16.04 -13.72 14.93
N PRO A 97 -17.03 -14.44 15.45
CA PRO A 97 -18.24 -13.81 16.01
C PRO A 97 -18.03 -12.81 17.15
N GLU A 98 -17.12 -13.06 18.10
CA GLU A 98 -16.94 -12.00 19.08
C GLU A 98 -16.15 -10.83 18.52
N ASP A 99 -15.53 -10.99 17.35
CA ASP A 99 -14.80 -9.87 16.76
C ASP A 99 -15.72 -8.90 16.01
N VAL A 100 -16.85 -9.40 15.52
CA VAL A 100 -17.78 -8.63 14.69
C VAL A 100 -18.22 -7.35 15.40
N PRO A 101 -18.88 -7.41 16.55
CA PRO A 101 -19.40 -6.18 17.15
C PRO A 101 -18.31 -5.19 17.53
N GLU A 102 -17.12 -5.70 17.87
CA GLU A 102 -16.01 -4.81 18.19
C GLU A 102 -15.55 -4.04 16.96
N ALA A 103 -15.50 -4.73 15.81
CA ALA A 103 -15.12 -4.07 14.55
C ALA A 103 -16.15 -3.04 14.13
N LEU A 104 -17.42 -3.31 14.37
CA LEU A 104 -18.44 -2.29 14.13
C LEU A 104 -18.24 -1.10 15.05
N ASN A 105 -17.97 -1.34 16.33
CA ASN A 105 -17.74 -0.23 17.26
C ASN A 105 -16.55 0.63 16.83
N GLU A 106 -15.49 0.01 16.33
CA GLU A 106 -14.33 0.79 15.88
C GLU A 106 -14.70 1.71 14.73
N SER A 107 -15.42 1.19 13.71
CA SER A 107 -15.82 2.06 12.60
C SER A 107 -16.82 3.13 13.04
N LEU A 108 -17.72 2.77 13.98
CA LEU A 108 -18.64 3.76 14.55
C LEU A 108 -17.87 4.87 15.23
N THR A 109 -16.89 4.51 16.04
CA THR A 109 -16.08 5.51 16.74
C THR A 109 -15.34 6.42 15.76
N ASP A 110 -14.66 5.83 14.78
CA ASP A 110 -13.92 6.64 13.82
C ASP A 110 -14.84 7.58 13.03
N LEU A 111 -16.02 7.11 12.67
CA LEU A 111 -16.97 7.94 11.96
C LEU A 111 -17.69 8.92 12.87
N GLN A 112 -17.58 8.71 14.19
CA GLN A 112 -18.28 9.54 15.18
C GLN A 112 -19.78 9.45 15.02
N LEU A 113 -20.26 8.27 14.67
CA LEU A 113 -21.69 8.04 14.56
C LEU A 113 -22.13 7.08 15.66
N ASP A 114 -23.43 7.06 15.94
CA ASP A 114 -23.97 6.10 16.89
C ASP A 114 -24.48 4.83 16.23
N TYR A 115 -24.85 4.89 14.96
CA TYR A 115 -25.30 3.73 14.23
C TYR A 115 -24.89 3.93 12.78
N LEU A 116 -24.79 2.82 12.06
CA LEU A 116 -24.75 2.84 10.61
C LEU A 116 -26.13 2.53 10.04
N ASP A 117 -26.41 3.12 8.88
CA ASP A 117 -27.61 2.68 8.18
C ASP A 117 -27.42 1.30 7.55
N LEU A 118 -26.20 0.96 7.15
CA LEU A 118 -25.92 -0.32 6.50
C LEU A 118 -24.53 -0.79 6.91
N TYR A 119 -24.44 -2.06 7.36
CA TYR A 119 -23.16 -2.71 7.64
C TYR A 119 -23.08 -3.98 6.80
N LEU A 120 -22.08 -4.05 5.93
CA LEU A 120 -21.88 -5.17 5.01
C LEU A 120 -20.68 -6.02 5.42
N ILE A 121 -20.84 -7.35 5.31
CA ILE A 121 -19.67 -8.24 5.25
C ILE A 121 -18.93 -8.00 3.93
N HIS A 122 -17.66 -7.57 4.00
CA HIS A 122 -16.96 -7.09 2.82
C HIS A 122 -16.75 -8.17 1.76
N TRP A 123 -16.24 -9.34 2.15
CA TRP A 123 -15.94 -10.47 1.28
C TRP A 123 -16.31 -11.75 1.99
N PRO A 124 -16.69 -12.86 1.20
CA PRO A 124 -16.81 -14.20 1.77
C PRO A 124 -15.44 -14.87 1.98
N PHE A 125 -14.55 -14.16 2.64
CA PHE A 125 -13.19 -14.62 2.85
C PHE A 125 -12.72 -14.20 4.22
N ARG A 126 -11.99 -15.10 4.89
CA ARG A 126 -11.57 -14.93 6.27
C ARG A 126 -10.06 -15.09 6.41
N VAL A 127 -9.45 -14.23 7.22
CA VAL A 127 -8.06 -14.39 7.66
C VAL A 127 -8.04 -14.16 9.16
N LYS A 128 -7.02 -14.72 9.84
CA LYS A 128 -7.03 -14.56 11.28
C LYS A 128 -6.88 -13.09 11.64
N LYS A 129 -7.41 -12.77 12.81
CA LYS A 129 -7.54 -11.38 13.24
C LYS A 129 -6.19 -10.70 13.33
N GLY A 130 -6.10 -9.48 12.81
CA GLY A 130 -4.87 -8.70 12.87
C GLY A 130 -3.79 -9.09 11.88
N THR A 131 -4.10 -9.90 10.86
CA THR A 131 -3.12 -10.33 9.88
C THR A 131 -3.55 -9.87 8.48
N ASN A 132 -2.62 -9.96 7.54
CA ASN A 132 -2.88 -9.50 6.18
C ASN A 132 -3.27 -10.69 5.28
N THR A 133 -3.79 -10.37 4.10
CA THR A 133 -4.19 -11.40 3.14
C THR A 133 -2.94 -12.15 2.68
N SER A 134 -2.65 -13.27 3.33
CA SER A 134 -1.48 -14.00 2.89
C SER A 134 -1.64 -15.47 3.22
N PRO A 135 -1.16 -16.38 2.38
CA PRO A 135 -1.62 -17.76 2.56
C PRO A 135 -1.41 -18.36 3.98
N GLU A 136 -0.58 -17.78 4.90
CA GLU A 136 -0.48 -18.32 6.27
C GLU A 136 -1.38 -17.67 7.25
N ASN A 137 -2.37 -17.01 6.73
CA ASN A 137 -3.37 -16.26 7.59
C ASN A 137 -4.78 -16.61 7.19
N PHE A 138 -4.98 -17.32 6.06
CA PHE A 138 -6.27 -17.88 5.67
C PHE A 138 -6.91 -18.78 6.73
N ILE A 139 -8.18 -18.51 7.02
CA ILE A 139 -9.06 -19.33 7.84
C ILE A 139 -10.29 -19.66 7.01
N THR A 140 -10.73 -20.92 7.05
CA THR A 140 -11.92 -21.27 6.30
C THR A 140 -13.10 -20.46 6.84
N PRO A 141 -13.85 -19.79 5.96
CA PRO A 141 -14.95 -18.93 6.43
C PRO A 141 -16.08 -19.71 7.07
N ASP A 142 -16.79 -19.03 7.97
CA ASP A 142 -18.03 -19.53 8.57
C ASP A 142 -19.04 -18.37 8.50
N ILE A 143 -19.55 -18.12 7.29
CA ILE A 143 -20.49 -17.02 7.03
C ILE A 143 -21.70 -17.11 7.95
N PRO A 144 -22.30 -18.31 8.16
CA PRO A 144 -23.43 -18.37 9.11
C PRO A 144 -23.07 -17.89 10.50
N ALA A 145 -21.93 -18.34 11.08
CA ALA A 145 -21.58 -17.87 12.41
C ALA A 145 -21.24 -16.39 12.43
N THR A 146 -20.65 -15.86 11.34
CA THR A 146 -20.40 -14.43 11.25
C THR A 146 -21.71 -13.65 11.11
N TRP A 147 -22.65 -14.19 10.33
CA TRP A 147 -23.93 -13.52 10.16
C TRP A 147 -24.74 -13.50 11.45
N GLY A 148 -24.67 -14.57 12.24
CA GLY A 148 -25.28 -14.53 13.56
C GLY A 148 -24.83 -13.31 14.34
N ALA A 149 -23.53 -12.98 14.25
CA ALA A 149 -23.02 -11.86 15.03
C ALA A 149 -23.41 -10.53 14.40
N MET A 150 -23.46 -10.47 13.07
CA MET A 150 -24.02 -9.32 12.39
C MET A 150 -25.46 -9.07 12.83
N GLU A 151 -26.21 -10.15 13.04
CA GLU A 151 -27.61 -10.03 13.47
C GLU A 151 -27.71 -9.38 14.85
N LYS A 152 -26.86 -9.79 15.78
CA LYS A 152 -26.91 -9.16 17.10
C LYS A 152 -26.56 -7.68 17.05
N CYS A 153 -25.69 -7.27 16.10
CA CYS A 153 -25.44 -5.84 15.92
C CYS A 153 -26.71 -5.13 15.46
N TYR A 154 -27.46 -5.78 14.57
CA TYR A 154 -28.73 -5.24 14.10
C TYR A 154 -29.73 -5.15 15.26
N ASP A 155 -29.85 -6.24 16.04
CA ASP A 155 -30.74 -6.26 17.19
C ASP A 155 -30.41 -5.15 18.17
N ALA A 156 -29.13 -4.86 18.37
CA ALA A 156 -28.73 -3.82 19.31
C ALA A 156 -28.89 -2.41 18.75
N GLY A 157 -29.23 -2.24 17.47
CA GLY A 157 -29.48 -0.90 16.92
C GLY A 157 -28.28 -0.24 16.29
N LYS A 158 -27.09 -0.86 16.38
CA LYS A 158 -25.87 -0.28 15.83
C LYS A 158 -25.85 -0.28 14.31
N ALA A 159 -26.60 -1.18 13.68
CA ALA A 159 -26.71 -1.20 12.22
C ALA A 159 -28.19 -1.25 11.87
N ARG A 160 -28.69 -0.19 11.22
CA ARG A 160 -30.07 -0.20 10.81
C ARG A 160 -30.36 -1.41 9.93
N ALA A 161 -29.46 -1.70 9.00
CA ALA A 161 -29.54 -2.87 8.17
C ALA A 161 -28.18 -3.55 8.14
N ILE A 162 -28.19 -4.84 7.86
CA ILE A 162 -26.99 -5.61 7.57
C ILE A 162 -27.15 -6.23 6.19
N GLY A 163 -26.02 -6.45 5.51
CA GLY A 163 -26.00 -7.14 4.23
C GLY A 163 -24.60 -7.69 3.94
N VAL A 164 -24.29 -7.85 2.64
CA VAL A 164 -23.03 -8.46 2.20
C VAL A 164 -22.53 -7.79 0.94
N SER A 165 -21.29 -8.13 0.58
CA SER A 165 -20.60 -7.61 -0.59
C SER A 165 -19.86 -8.75 -1.30
N ASN A 166 -19.89 -8.74 -2.63
CA ASN A 166 -19.15 -9.73 -3.43
C ASN A 166 -19.69 -11.15 -3.22
N PHE A 167 -20.99 -11.29 -2.97
CA PHE A 167 -21.64 -12.58 -2.78
C PHE A 167 -22.34 -12.98 -4.07
N SER A 168 -21.97 -14.14 -4.62
CA SER A 168 -22.66 -14.67 -5.78
C SER A 168 -24.10 -15.07 -5.41
N SER A 169 -24.91 -15.30 -6.44
CA SER A 169 -26.26 -15.86 -6.23
C SER A 169 -26.23 -17.04 -5.28
N LYS A 170 -25.39 -18.02 -5.56
CA LYS A 170 -25.36 -19.20 -4.70
C LYS A 170 -25.02 -18.81 -3.27
N LYS A 171 -23.99 -17.99 -3.08
CA LYS A 171 -23.59 -17.66 -1.71
C LYS A 171 -24.67 -16.85 -1.00
N LEU A 172 -25.28 -15.90 -1.71
CA LEU A 172 -26.36 -15.12 -1.13
C LEU A 172 -27.54 -16.01 -0.76
N GLY A 173 -27.88 -16.96 -1.65
CA GLY A 173 -28.94 -17.92 -1.33
C GLY A 173 -28.57 -18.81 -0.17
N ASP A 174 -27.32 -19.25 -0.12
CA ASP A 174 -26.91 -20.11 0.99
C ASP A 174 -27.00 -19.38 2.32
N LEU A 175 -26.85 -18.05 2.30
CA LEU A 175 -26.94 -17.26 3.52
C LEU A 175 -28.39 -16.97 3.91
N LEU A 176 -29.19 -16.51 2.95
CA LEU A 176 -30.63 -16.36 3.14
C LEU A 176 -31.27 -17.60 3.72
N ALA A 177 -30.86 -18.77 3.24
CA ALA A 177 -31.48 -20.02 3.66
C ALA A 177 -31.31 -20.23 5.17
N VAL A 178 -30.17 -19.83 5.72
CA VAL A 178 -29.91 -20.08 7.14
C VAL A 178 -30.25 -18.88 8.01
N ALA A 179 -30.40 -17.70 7.44
CA ALA A 179 -30.50 -16.49 8.21
C ALA A 179 -31.88 -16.31 8.86
N ARG A 180 -31.87 -15.71 10.05
CA ARG A 180 -33.10 -15.12 10.60
C ARG A 180 -33.35 -13.75 9.98
N VAL A 181 -32.37 -12.86 10.06
CA VAL A 181 -32.47 -11.53 9.46
C VAL A 181 -31.91 -11.63 8.05
N HIS A 182 -32.78 -11.42 7.05
CA HIS A 182 -32.35 -11.52 5.66
C HIS A 182 -31.39 -10.37 5.35
N PRO A 183 -30.28 -10.63 4.65
CA PRO A 183 -29.41 -9.52 4.24
C PRO A 183 -30.20 -8.51 3.40
N ALA A 184 -30.02 -7.24 3.73
CA ALA A 184 -30.79 -6.20 3.06
C ALA A 184 -30.21 -5.88 1.70
N VAL A 185 -28.90 -6.07 1.54
CA VAL A 185 -28.16 -5.57 0.38
C VAL A 185 -27.06 -6.59 0.05
N ASP A 186 -26.85 -6.80 -1.24
CA ASP A 186 -25.64 -7.43 -1.77
C ASP A 186 -24.98 -6.39 -2.66
N GLN A 187 -23.81 -5.88 -2.26
CA GLN A 187 -23.10 -4.84 -3.01
C GLN A 187 -22.01 -5.48 -3.87
N VAL A 188 -22.13 -5.35 -5.20
CA VAL A 188 -21.30 -6.08 -6.14
C VAL A 188 -20.92 -5.17 -7.30
N GLU A 189 -19.84 -5.52 -7.99
CA GLU A 189 -19.46 -4.80 -9.20
C GLU A 189 -20.56 -4.94 -10.25
N CYS A 190 -21.03 -3.81 -10.77
CA CYS A 190 -22.15 -3.86 -11.71
C CYS A 190 -22.15 -2.58 -12.52
N HIS A 191 -22.12 -2.73 -13.84
CA HIS A 191 -21.93 -1.63 -14.77
C HIS A 191 -22.21 -2.16 -16.18
N PRO A 192 -22.45 -1.29 -17.17
CA PRO A 192 -22.89 -1.80 -18.48
C PRO A 192 -21.97 -2.85 -19.09
N GLY A 193 -20.70 -2.92 -18.65
CA GLY A 193 -19.81 -3.98 -19.04
C GLY A 193 -19.87 -5.23 -18.19
N TRP A 194 -20.57 -5.18 -17.06
CA TRP A 194 -20.72 -6.38 -16.22
C TRP A 194 -22.10 -6.31 -15.55
N GLN A 195 -23.11 -6.76 -16.28
CA GLN A 195 -24.49 -6.40 -15.99
C GLN A 195 -25.15 -7.27 -14.92
N GLN A 196 -24.53 -8.37 -14.53
CA GLN A 196 -24.96 -9.15 -13.36
C GLN A 196 -26.39 -9.64 -13.50
N THR A 197 -26.77 -10.05 -14.71
CA THR A 197 -28.17 -10.38 -14.96
C THR A 197 -28.64 -11.51 -14.06
N LYS A 198 -27.81 -12.55 -13.89
CA LYS A 198 -28.17 -13.65 -13.03
C LYS A 198 -28.44 -13.18 -11.61
N LEU A 199 -27.45 -12.52 -10.99
CA LEU A 199 -27.60 -12.04 -9.61
C LEU A 199 -28.72 -11.03 -9.50
N HIS A 200 -28.93 -10.23 -10.54
CA HIS A 200 -30.02 -9.26 -10.51
C HIS A 200 -31.38 -9.94 -10.41
N ASN A 201 -31.59 -11.02 -11.17
CA ASN A 201 -32.88 -11.70 -11.06
C ASN A 201 -33.01 -12.35 -9.71
N PHE A 202 -31.92 -12.94 -9.23
CA PHE A 202 -31.99 -13.65 -7.96
C PHE A 202 -32.31 -12.69 -6.82
N CYS A 203 -31.74 -11.50 -6.86
CA CYS A 203 -32.05 -10.50 -5.85
C CYS A 203 -33.51 -10.09 -5.90
N GLN A 204 -34.04 -9.91 -7.10
CA GLN A 204 -35.45 -9.58 -7.25
C GLN A 204 -36.33 -10.72 -6.76
N SER A 205 -35.89 -11.96 -6.89
CA SER A 205 -36.74 -13.03 -6.41
C SER A 205 -36.72 -13.12 -4.89
N THR A 206 -35.69 -12.56 -4.24
CA THR A 206 -35.41 -12.77 -2.83
C THR A 206 -35.74 -11.57 -1.97
N GLY A 207 -36.05 -10.43 -2.57
CA GLY A 207 -36.20 -9.20 -1.84
C GLY A 207 -34.90 -8.55 -1.40
N VAL A 208 -33.77 -8.98 -1.92
CA VAL A 208 -32.48 -8.39 -1.56
C VAL A 208 -32.16 -7.29 -2.56
N HIS A 209 -31.74 -6.14 -2.05
CA HIS A 209 -31.39 -5.02 -2.91
C HIS A 209 -29.95 -5.15 -3.40
N LEU A 210 -29.75 -4.77 -4.66
CA LEU A 210 -28.43 -4.79 -5.30
C LEU A 210 -27.90 -3.38 -5.40
N THR A 211 -26.77 -3.11 -4.74
CA THR A 211 -26.03 -1.86 -4.92
C THR A 211 -24.86 -2.13 -5.87
N ALA A 212 -24.77 -1.33 -6.93
CA ALA A 212 -23.70 -1.44 -7.91
C ALA A 212 -22.48 -0.66 -7.45
N TYR A 213 -21.34 -1.35 -7.32
CA TYR A 213 -20.08 -0.67 -7.11
C TYR A 213 -19.24 -0.71 -8.38
N SER A 214 -18.25 0.18 -8.44
CA SER A 214 -17.54 0.49 -9.68
C SER A 214 -18.52 0.67 -10.83
N PRO A 215 -19.54 1.54 -10.70
CA PRO A 215 -20.57 1.65 -11.75
C PRO A 215 -20.08 2.37 -12.99
N LEU A 216 -18.92 3.02 -12.95
CA LEU A 216 -18.30 3.57 -14.14
C LEU A 216 -17.27 2.61 -14.72
N GLY A 217 -17.15 1.41 -14.15
CA GLY A 217 -16.10 0.50 -14.52
C GLY A 217 -14.75 0.90 -14.02
N SER A 218 -14.70 1.69 -12.93
CA SER A 218 -13.49 2.15 -12.26
C SER A 218 -12.37 2.54 -13.23
N PRO A 219 -12.54 3.59 -14.02
CA PRO A 219 -11.48 3.99 -14.97
C PRO A 219 -10.14 4.35 -14.31
N GLY A 220 -10.15 4.84 -13.07
CA GLY A 220 -8.90 5.22 -12.45
C GLY A 220 -8.11 4.08 -11.81
N THR A 221 -8.70 2.90 -11.71
CA THR A 221 -8.01 1.75 -11.13
C THR A 221 -7.23 1.06 -12.24
N THR A 222 -5.91 1.24 -12.24
CA THR A 222 -5.09 0.77 -13.34
C THR A 222 -5.27 -0.73 -13.57
N TRP A 223 -5.11 -1.54 -12.51
CA TRP A 223 -5.00 -2.99 -12.68
C TRP A 223 -6.26 -3.61 -13.25
N MET A 224 -7.42 -2.99 -13.04
CA MET A 224 -8.65 -3.56 -13.58
C MET A 224 -8.85 -3.27 -15.06
N ASN A 225 -8.25 -2.21 -15.61
CA ASN A 225 -8.24 -1.94 -17.05
C ASN A 225 -9.66 -1.84 -17.61
N GLY A 226 -10.41 -0.87 -17.09
CA GLY A 226 -11.79 -0.66 -17.50
C GLY A 226 -11.93 0.48 -18.49
N ASN A 227 -12.66 0.22 -19.57
CA ASN A 227 -12.95 1.20 -20.63
C ASN A 227 -14.45 1.24 -20.93
N VAL A 228 -15.28 1.19 -19.88
CA VAL A 228 -16.72 1.06 -20.07
C VAL A 228 -17.31 2.32 -20.70
N LEU A 229 -16.88 3.50 -20.23
CA LEU A 229 -17.40 4.77 -20.75
C LEU A 229 -17.06 4.98 -22.22
N LYS A 230 -16.34 4.05 -22.79
CA LYS A 230 -15.81 4.20 -24.10
C LYS A 230 -16.48 3.23 -25.05
N GLU A 231 -17.46 2.50 -24.51
CA GLU A 231 -18.30 1.63 -25.32
C GLU A 231 -19.07 2.46 -26.33
N PRO A 232 -19.15 2.01 -27.57
CA PRO A 232 -19.89 2.78 -28.59
C PRO A 232 -21.38 2.85 -28.33
N VAL A 233 -21.98 1.80 -27.75
CA VAL A 233 -23.40 1.87 -27.40
C VAL A 233 -23.64 2.99 -26.42
N ILE A 234 -22.75 3.14 -25.43
CA ILE A 234 -22.95 4.14 -24.39
C ILE A 234 -22.67 5.52 -24.94
N ILE A 235 -21.65 5.64 -25.77
CA ILE A 235 -21.33 6.92 -26.40
C ILE A 235 -22.45 7.34 -27.35
N SER A 236 -22.98 6.38 -28.10
CA SER A 236 -24.11 6.67 -28.99
C SER A 236 -25.30 7.18 -28.19
N ILE A 237 -25.75 6.38 -27.22
CA ILE A 237 -26.88 6.79 -26.38
C ILE A 237 -26.58 8.12 -25.69
N ALA A 238 -25.32 8.36 -25.34
CA ALA A 238 -24.97 9.60 -24.67
C ALA A 238 -25.31 10.82 -25.52
N GLU A 239 -25.02 10.76 -26.83
CA GLU A 239 -25.27 11.95 -27.65
C GLU A 239 -26.68 11.98 -28.22
N LYS A 240 -27.34 10.84 -28.41
CA LYS A 240 -28.76 10.89 -28.75
C LYS A 240 -29.60 11.51 -27.63
N LEU A 241 -29.18 11.36 -26.37
CA LEU A 241 -29.91 11.95 -25.25
C LEU A 241 -29.30 13.25 -24.75
N GLY A 242 -28.13 13.65 -25.25
CA GLY A 242 -27.48 14.86 -24.77
C GLY A 242 -26.98 14.76 -23.34
N LYS A 243 -26.35 13.65 -22.98
CA LYS A 243 -25.81 13.40 -21.65
C LYS A 243 -24.39 12.86 -21.79
N THR A 244 -23.63 12.88 -20.69
CA THR A 244 -22.32 12.26 -20.74
C THR A 244 -22.46 10.73 -20.68
N PRO A 245 -21.41 10.01 -21.11
CA PRO A 245 -21.40 8.55 -20.90
C PRO A 245 -21.56 8.13 -19.45
N ALA A 246 -20.89 8.83 -18.52
CA ALA A 246 -21.04 8.51 -17.11
C ALA A 246 -22.49 8.57 -16.69
N GLN A 247 -23.20 9.63 -17.10
CA GLN A 247 -24.61 9.72 -16.74
C GLN A 247 -25.38 8.53 -17.29
N VAL A 248 -25.09 8.13 -18.53
CA VAL A 248 -25.85 7.04 -19.15
C VAL A 248 -25.54 5.70 -18.49
N ALA A 249 -24.26 5.45 -18.18
CA ALA A 249 -23.92 4.23 -17.43
C ALA A 249 -24.63 4.19 -16.08
N LEU A 250 -24.63 5.29 -15.34
CA LEU A 250 -25.34 5.34 -14.06
C LEU A 250 -26.84 5.17 -14.24
N ARG A 251 -27.43 5.94 -15.15
CA ARG A 251 -28.84 5.82 -15.46
C ARG A 251 -29.24 4.38 -15.78
N TRP A 252 -28.39 3.66 -16.54
CA TRP A 252 -28.72 2.28 -16.88
C TRP A 252 -28.91 1.44 -15.62
N ASN A 253 -28.01 1.61 -14.66
CA ASN A 253 -28.09 0.86 -13.41
C ASN A 253 -29.34 1.25 -12.62
N ILE A 254 -29.59 2.55 -12.47
CA ILE A 254 -30.76 2.99 -11.73
C ILE A 254 -32.04 2.46 -12.39
N GLN A 255 -32.05 2.41 -13.73
CA GLN A 255 -33.26 1.93 -14.41
C GLN A 255 -33.44 0.43 -14.24
N MET A 256 -32.35 -0.31 -14.01
CA MET A 256 -32.50 -1.71 -13.61
C MET A 256 -32.86 -1.89 -12.14
N GLY A 257 -33.04 -0.81 -11.39
CA GLY A 257 -33.41 -0.90 -9.98
C GLY A 257 -32.25 -1.05 -9.02
N HIS A 258 -31.03 -0.76 -9.45
CA HIS A 258 -29.84 -0.83 -8.60
C HIS A 258 -29.45 0.57 -8.15
N SER A 259 -29.06 0.69 -6.88
CA SER A 259 -28.38 1.88 -6.42
C SER A 259 -26.95 1.86 -6.95
N VAL A 260 -26.34 3.05 -7.03
CA VAL A 260 -25.00 3.19 -7.60
C VAL A 260 -24.10 4.03 -6.69
N LEU A 261 -22.83 3.66 -6.63
CA LEU A 261 -21.84 4.34 -5.79
C LEU A 261 -20.71 4.96 -6.61
N PRO A 262 -20.98 5.94 -7.47
CA PRO A 262 -19.87 6.58 -8.20
C PRO A 262 -18.86 7.25 -7.27
N LYS A 263 -17.58 6.95 -7.49
CA LYS A 263 -16.47 7.53 -6.75
C LYS A 263 -15.89 8.69 -7.54
N SER A 264 -15.75 9.85 -6.90
CA SER A 264 -15.18 11.01 -7.54
C SER A 264 -14.61 11.97 -6.50
N THR A 265 -13.55 12.67 -6.87
CA THR A 265 -13.03 13.77 -6.05
C THR A 265 -13.05 15.09 -6.82
N ASN A 266 -13.59 15.08 -8.03
CA ASN A 266 -13.74 16.28 -8.84
C ASN A 266 -15.14 16.84 -8.58
N GLU A 267 -15.20 18.12 -8.22
CA GLU A 267 -16.48 18.66 -7.79
C GLU A 267 -17.49 18.64 -8.95
N GLU A 268 -17.05 19.02 -10.16
CA GLU A 268 -18.01 19.11 -11.26
C GLU A 268 -18.51 17.72 -11.65
N ARG A 269 -17.65 16.70 -11.58
CA ARG A 269 -18.11 15.34 -11.87
C ARG A 269 -18.93 14.78 -10.71
N ILE A 270 -18.62 15.17 -9.47
CA ILE A 270 -19.48 14.81 -8.35
C ILE A 270 -20.91 15.25 -8.60
N LYS A 271 -21.10 16.47 -9.11
CA LYS A 271 -22.45 16.96 -9.31
C LYS A 271 -23.13 16.30 -10.50
N GLN A 272 -22.42 16.04 -11.60
CA GLN A 272 -23.06 15.39 -12.73
C GLN A 272 -23.44 13.95 -12.42
N ASN A 273 -22.68 13.31 -11.52
CA ASN A 273 -23.03 11.96 -11.10
C ASN A 273 -24.37 11.93 -10.38
N LEU A 274 -24.84 13.06 -9.88
CA LEU A 274 -26.16 13.12 -9.27
C LEU A 274 -27.28 13.34 -10.27
N ASP A 275 -26.96 13.81 -11.47
CA ASP A 275 -27.99 14.23 -12.43
C ASP A 275 -28.45 13.03 -13.27
N VAL A 276 -28.96 12.03 -12.57
CA VAL A 276 -29.37 10.76 -13.16
C VAL A 276 -30.83 10.46 -12.89
N TYR A 277 -31.59 11.44 -12.40
CA TYR A 277 -32.90 11.18 -11.82
C TYR A 277 -34.07 11.50 -12.76
N ASP A 278 -34.02 12.59 -13.55
CA ASP A 278 -35.21 13.08 -14.26
C ASP A 278 -35.16 12.88 -15.78
N TRP A 279 -34.44 11.87 -16.26
CA TRP A 279 -34.49 11.52 -17.67
C TRP A 279 -34.30 10.01 -17.78
N SER A 280 -34.77 9.46 -18.89
CA SER A 280 -34.80 8.02 -19.07
C SER A 280 -33.98 7.61 -20.29
N ILE A 281 -33.65 6.32 -20.31
CA ILE A 281 -33.13 5.67 -21.51
C ILE A 281 -34.31 4.94 -22.16
N PRO A 282 -34.76 5.38 -23.34
CA PRO A 282 -35.89 4.71 -23.97
C PRO A 282 -35.62 3.25 -24.21
N ASP A 283 -36.70 2.47 -24.35
CA ASP A 283 -36.57 1.03 -24.53
C ASP A 283 -35.73 0.68 -25.75
N ASP A 284 -35.79 1.50 -26.81
CA ASP A 284 -35.08 1.21 -28.05
C ASP A 284 -33.57 1.19 -27.84
N LEU A 285 -33.05 2.11 -27.03
CA LEU A 285 -31.64 2.18 -26.73
C LEU A 285 -31.26 1.26 -25.58
N LEU A 286 -32.14 1.16 -24.57
CA LEU A 286 -31.95 0.17 -23.52
C LEU A 286 -31.69 -1.22 -24.10
N ALA A 287 -32.40 -1.58 -25.17
CA ALA A 287 -32.18 -2.88 -25.79
C ALA A 287 -30.73 -3.09 -26.19
N LYS A 288 -30.06 -2.03 -26.65
CA LYS A 288 -28.73 -2.14 -27.21
C LYS A 288 -27.66 -2.49 -26.18
N PHE A 289 -27.93 -2.35 -24.87
CA PHE A 289 -26.93 -2.76 -23.89
C PHE A 289 -26.61 -4.24 -23.96
N SER A 290 -27.55 -5.06 -24.48
CA SER A 290 -27.27 -6.47 -24.67
C SER A 290 -26.14 -6.71 -25.66
N GLU A 291 -25.81 -5.72 -26.51
CA GLU A 291 -24.70 -5.81 -27.45
C GLU A 291 -23.35 -5.42 -26.85
N ILE A 292 -23.27 -5.14 -25.54
CA ILE A 292 -21.99 -4.80 -24.90
C ILE A 292 -21.39 -6.09 -24.36
N LYS A 293 -20.11 -6.33 -24.68
CA LYS A 293 -19.45 -7.55 -24.27
C LYS A 293 -19.03 -7.47 -22.80
N GLN A 294 -18.96 -8.63 -22.16
CA GLN A 294 -19.07 -8.75 -20.70
C GLN A 294 -17.77 -9.28 -20.10
N ALA A 295 -17.08 -8.42 -19.34
CA ALA A 295 -15.88 -8.80 -18.62
C ALA A 295 -16.00 -8.30 -17.19
N ARG A 296 -15.78 -9.20 -16.22
CA ARG A 296 -15.68 -8.81 -14.81
C ARG A 296 -14.32 -8.16 -14.56
N LEU A 297 -14.36 -6.90 -14.10
CA LEU A 297 -13.15 -6.10 -13.96
C LEU A 297 -12.39 -6.41 -12.67
N LEU A 298 -13.08 -6.49 -11.53
CA LEU A 298 -12.46 -6.82 -10.24
C LEU A 298 -12.64 -8.32 -10.02
N ARG A 299 -11.63 -9.09 -10.39
CA ARG A 299 -11.72 -10.54 -10.40
C ARG A 299 -11.57 -11.17 -9.02
N GLY A 300 -11.11 -10.43 -8.02
CA GLY A 300 -10.86 -11.02 -6.71
C GLY A 300 -9.61 -11.87 -6.66
N ASN A 301 -8.61 -11.56 -7.50
CA ASN A 301 -7.40 -12.39 -7.58
C ASN A 301 -6.73 -12.55 -6.21
N PHE A 302 -6.84 -11.55 -5.34
CA PHE A 302 -6.12 -11.58 -4.08
C PHE A 302 -6.61 -12.68 -3.13
N ILE A 303 -7.71 -13.38 -3.45
CA ILE A 303 -8.20 -14.44 -2.59
C ILE A 303 -8.41 -15.72 -3.38
N VAL A 304 -7.98 -15.74 -4.65
CA VAL A 304 -7.96 -16.96 -5.44
C VAL A 304 -6.53 -17.46 -5.46
N ASN A 305 -6.32 -18.67 -4.97
CA ASN A 305 -5.01 -19.11 -4.56
C ASN A 305 -5.03 -20.61 -4.27
N PRO A 306 -3.95 -21.33 -4.60
CA PRO A 306 -3.91 -22.78 -4.29
C PRO A 306 -4.29 -23.11 -2.87
N GLN A 307 -4.03 -22.22 -1.92
CA GLN A 307 -4.35 -22.44 -0.51
C GLN A 307 -5.66 -21.77 -0.07
N SER A 308 -6.29 -21.01 -0.95
CA SER A 308 -7.60 -20.45 -0.65
C SER A 308 -8.69 -21.50 -0.76
N VAL A 309 -9.81 -21.24 -0.09
CA VAL A 309 -11.01 -22.03 -0.32
C VAL A 309 -11.52 -21.79 -1.73
N TYR A 310 -11.09 -20.72 -2.36
CA TYR A 310 -11.37 -20.45 -3.76
C TYR A 310 -10.07 -20.67 -4.52
N LYS A 311 -9.98 -21.82 -5.18
CA LYS A 311 -8.83 -22.15 -6.00
C LYS A 311 -8.96 -21.63 -7.41
N THR A 312 -10.19 -21.44 -7.88
CA THR A 312 -10.49 -20.88 -9.18
C THR A 312 -11.27 -19.59 -8.97
N HIS A 313 -11.28 -18.73 -9.99
CA HIS A 313 -12.22 -17.61 -10.00
C HIS A 313 -13.65 -18.12 -10.11
N GLU A 314 -13.84 -19.25 -10.77
CA GLU A 314 -15.16 -19.84 -10.83
C GLU A 314 -15.63 -20.28 -9.44
N GLU A 315 -14.69 -20.69 -8.58
CA GLU A 315 -15.08 -21.12 -7.24
C GLU A 315 -15.53 -19.92 -6.38
N LEU A 316 -14.82 -18.79 -6.49
CA LEU A 316 -15.19 -17.62 -5.72
C LEU A 316 -16.55 -17.09 -6.17
N TRP A 317 -16.74 -16.93 -7.49
CA TRP A 317 -17.93 -16.29 -8.06
C TRP A 317 -19.03 -17.29 -8.41
N ASP A 318 -18.79 -18.57 -8.24
CA ASP A 318 -19.76 -19.62 -8.56
C ASP A 318 -20.23 -19.51 -10.00
N GLY A 319 -19.27 -19.40 -10.92
CA GLY A 319 -19.55 -19.40 -12.35
C GLY A 319 -20.00 -18.07 -12.91
N GLU A 320 -20.48 -17.15 -12.07
CA GLU A 320 -20.85 -15.80 -12.48
C GLU A 320 -19.59 -15.10 -12.98
N LEU A 321 -19.15 -15.50 -14.16
CA LEU A 321 -17.83 -15.20 -14.66
C LEU A 321 -17.87 -14.94 -16.16
N ALA B 13 8.83 -13.81 4.58
CA ALA B 13 9.60 -12.96 3.68
C ALA B 13 11.02 -12.67 4.20
N ARG B 14 11.75 -13.71 4.61
CA ARG B 14 13.09 -13.51 5.19
C ARG B 14 14.15 -13.12 4.15
N HIS B 15 13.87 -13.20 2.86
CA HIS B 15 14.85 -12.81 1.85
C HIS B 15 14.08 -12.18 0.70
N PHE B 16 14.79 -11.37 -0.08
CA PHE B 16 14.33 -10.95 -1.39
C PHE B 16 15.36 -11.44 -2.41
N VAL B 17 14.96 -11.55 -3.67
CA VAL B 17 15.85 -12.03 -4.71
C VAL B 17 16.27 -10.86 -5.57
N LEU B 18 17.58 -10.63 -5.65
CA LEU B 18 18.11 -9.60 -6.52
C LEU B 18 18.02 -10.04 -7.99
N ASN B 19 18.17 -9.07 -8.89
CA ASN B 19 18.17 -9.44 -10.31
C ASN B 19 19.41 -10.24 -10.71
N THR B 20 20.40 -10.36 -9.84
CA THR B 20 21.47 -11.33 -10.05
C THR B 20 21.03 -12.74 -9.71
N GLY B 21 19.89 -12.89 -9.05
CA GLY B 21 19.49 -14.16 -8.52
C GLY B 21 19.91 -14.42 -7.09
N ALA B 22 20.90 -13.69 -6.56
CA ALA B 22 21.30 -13.84 -5.16
C ALA B 22 20.16 -13.42 -4.24
N LYS B 23 20.13 -14.01 -3.05
CA LYS B 23 19.14 -13.61 -2.05
C LYS B 23 19.79 -12.66 -1.07
N ILE B 24 19.09 -11.59 -0.74
CA ILE B 24 19.54 -10.61 0.25
C ILE B 24 18.66 -10.75 1.48
N PRO B 25 19.24 -10.89 2.67
CA PRO B 25 18.40 -11.02 3.88
C PRO B 25 17.59 -9.77 4.14
N SER B 26 16.31 -9.97 4.46
CA SER B 26 15.36 -8.89 4.65
C SER B 26 15.80 -7.87 5.70
N VAL B 27 16.53 -8.28 6.72
CA VAL B 27 16.98 -7.37 7.77
C VAL B 27 18.50 -7.36 7.80
N GLY B 28 19.10 -6.17 7.76
CA GLY B 28 20.52 -6.02 7.97
C GLY B 28 20.78 -5.00 9.07
N LEU B 29 21.98 -5.12 9.66
CA LEU B 29 22.41 -4.18 10.68
C LEU B 29 23.04 -2.96 10.03
N GLY B 30 22.53 -1.78 10.33
CA GLY B 30 23.19 -0.55 9.92
C GLY B 30 24.38 -0.24 10.81
N THR B 31 25.41 0.37 10.21
CA THR B 31 26.65 0.71 10.93
C THR B 31 27.03 2.18 10.80
N TRP B 32 26.22 3.01 10.14
CA TRP B 32 26.43 4.46 10.20
C TRP B 32 26.43 4.94 11.65
N GLN B 33 27.51 5.60 12.05
CA GLN B 33 27.58 6.26 13.37
C GLN B 33 27.60 5.25 14.51
N SER B 34 28.25 4.13 14.32
CA SER B 34 28.63 3.25 15.40
C SER B 34 30.15 3.40 15.56
N ASP B 35 30.58 4.03 16.66
CA ASP B 35 31.98 4.35 16.87
C ASP B 35 32.84 3.09 16.73
N PRO B 36 34.07 3.20 16.19
CA PRO B 36 34.90 1.99 15.98
C PRO B 36 35.06 1.14 17.21
N GLY B 37 35.01 1.75 18.40
CA GLY B 37 35.08 0.98 19.62
C GLY B 37 33.91 0.02 19.78
N VAL B 38 32.69 0.53 19.67
CA VAL B 38 31.53 -0.30 19.99
C VAL B 38 31.03 -1.13 18.79
N VAL B 39 31.20 -0.65 17.55
CA VAL B 39 30.53 -1.28 16.42
C VAL B 39 30.92 -2.74 16.29
N GLY B 40 32.20 -3.05 16.56
CA GLY B 40 32.66 -4.43 16.45
C GLY B 40 31.81 -5.40 17.25
N ASP B 41 31.45 -5.02 18.46
CA ASP B 41 30.67 -5.96 19.27
C ASP B 41 29.20 -5.97 18.92
N ALA B 42 28.69 -4.87 18.35
CA ALA B 42 27.35 -4.86 17.80
C ALA B 42 27.20 -5.86 16.66
N VAL B 43 28.17 -5.86 15.72
CA VAL B 43 28.18 -6.86 14.65
C VAL B 43 28.24 -8.26 15.22
N TYR B 44 29.06 -8.46 16.27
CA TYR B 44 29.15 -9.77 16.90
C TYR B 44 27.81 -10.18 17.48
N THR B 45 27.21 -9.30 18.30
CA THR B 45 25.91 -9.61 18.87
C THR B 45 24.88 -9.89 17.79
N ALA B 46 24.81 -9.01 16.80
CA ALA B 46 23.81 -9.14 15.75
C ALA B 46 23.93 -10.46 15.00
N VAL B 47 25.16 -10.88 14.69
CA VAL B 47 25.29 -12.11 13.93
C VAL B 47 24.87 -13.31 14.77
N LYS B 48 25.32 -13.35 16.03
CA LYS B 48 24.87 -14.41 16.95
C LYS B 48 23.37 -14.42 17.10
N ALA B 49 22.75 -13.26 17.24
CA ALA B 49 21.31 -13.23 17.38
C ALA B 49 20.58 -13.68 16.12
N GLY B 50 21.29 -13.82 14.99
CA GLY B 50 20.70 -14.34 13.75
C GLY B 50 20.76 -13.40 12.56
N TYR B 51 21.25 -12.18 12.71
CA TYR B 51 21.47 -11.31 11.56
C TYR B 51 22.41 -11.98 10.57
N ARG B 52 22.10 -11.81 9.27
CA ARG B 52 22.94 -12.34 8.21
C ARG B 52 23.25 -11.29 7.16
N HIS B 53 23.09 -10.03 7.51
CA HIS B 53 23.24 -8.94 6.55
C HIS B 53 23.86 -7.79 7.33
N ILE B 54 25.00 -7.28 6.86
CA ILE B 54 25.74 -6.20 7.51
C ILE B 54 25.99 -5.12 6.46
N ASP B 55 25.60 -3.89 6.77
CA ASP B 55 25.71 -2.79 5.84
C ASP B 55 26.83 -1.84 6.28
N CYS B 56 27.80 -1.62 5.38
CA CYS B 56 29.00 -0.87 5.67
C CYS B 56 29.10 0.29 4.69
N ALA B 57 30.08 1.15 4.92
CA ALA B 57 30.55 2.12 3.95
C ALA B 57 31.94 2.56 4.36
N LYS B 58 32.79 2.87 3.36
CA LYS B 58 34.13 3.37 3.65
C LYS B 58 34.04 4.67 4.45
N VAL B 59 33.09 5.53 4.10
CA VAL B 59 33.02 6.84 4.73
C VAL B 59 32.69 6.74 6.23
N TYR B 60 32.03 5.66 6.69
CA TYR B 60 31.71 5.57 8.12
C TYR B 60 32.93 5.32 9.01
N GLY B 61 34.12 5.19 8.44
CA GLY B 61 35.34 5.04 9.23
C GLY B 61 35.38 3.89 10.23
N ASN B 62 34.73 2.76 9.94
CA ASN B 62 34.72 1.66 10.92
C ASN B 62 34.87 0.28 10.27
N GLU B 63 35.33 0.21 9.02
CA GLU B 63 35.33 -1.06 8.31
C GLU B 63 36.36 -2.02 8.89
N LYS B 64 37.53 -1.50 9.27
CA LYS B 64 38.54 -2.30 9.95
C LYS B 64 37.96 -3.03 11.16
N GLU B 65 37.28 -2.28 12.05
CA GLU B 65 36.70 -2.87 13.26
C GLU B 65 35.63 -3.89 12.92
N ILE B 66 34.80 -3.61 11.92
CA ILE B 66 33.83 -4.59 11.45
C ILE B 66 34.53 -5.86 10.97
N GLY B 67 35.64 -5.69 10.24
CA GLY B 67 36.35 -6.86 9.73
C GLY B 67 36.85 -7.77 10.83
N LEU B 68 37.36 -7.19 11.93
CA LEU B 68 37.80 -8.02 13.03
C LEU B 68 36.62 -8.75 13.67
N ALA B 69 35.49 -8.07 13.87
CA ALA B 69 34.29 -8.74 14.33
C ALA B 69 33.88 -9.87 13.38
N LEU B 70 33.93 -9.63 12.07
CA LEU B 70 33.58 -10.68 11.11
C LEU B 70 34.52 -11.87 11.25
N LYS B 71 35.82 -11.60 11.39
CA LYS B 71 36.82 -12.64 11.57
C LYS B 71 36.57 -13.47 12.84
N LYS B 72 36.40 -12.78 13.98
CA LYS B 72 36.07 -13.47 15.23
C LYS B 72 34.90 -14.43 15.02
N LEU B 73 33.83 -13.93 14.40
CA LEU B 73 32.67 -14.78 14.09
C LEU B 73 33.09 -16.00 13.28
N PHE B 74 33.91 -15.82 12.25
CA PHE B 74 34.27 -16.94 11.37
C PHE B 74 35.11 -17.97 12.13
N GLU B 75 36.13 -17.51 12.86
CA GLU B 75 36.93 -18.39 13.72
C GLU B 75 36.05 -19.19 14.68
N GLU B 76 35.20 -18.48 15.44
CA GLU B 76 34.30 -19.13 16.39
C GLU B 76 33.29 -20.06 15.73
N GLY B 77 33.17 -20.06 14.40
CA GLY B 77 32.21 -20.90 13.74
C GLY B 77 30.75 -20.55 13.97
N VAL B 78 30.46 -19.28 14.29
CA VAL B 78 29.07 -18.84 14.40
C VAL B 78 28.39 -18.91 13.04
N VAL B 79 29.06 -18.39 12.01
CA VAL B 79 28.63 -18.47 10.61
C VAL B 79 29.88 -18.63 9.76
N LYS B 80 29.70 -18.99 8.49
CA LYS B 80 30.80 -18.93 7.53
C LYS B 80 30.53 -17.84 6.49
N ARG B 81 31.61 -17.38 5.84
CA ARG B 81 31.55 -16.22 4.94
C ARG B 81 30.33 -16.24 4.03
N GLU B 82 30.10 -17.34 3.33
CA GLU B 82 29.03 -17.32 2.35
C GLU B 82 27.64 -17.42 2.98
N ASP B 83 27.55 -17.51 4.30
CA ASP B 83 26.27 -17.32 4.99
C ASP B 83 25.91 -15.85 5.16
N LEU B 84 26.83 -14.95 4.85
CA LEU B 84 26.67 -13.54 5.18
C LEU B 84 26.55 -12.70 3.91
N PHE B 85 25.76 -11.64 4.01
CA PHE B 85 25.61 -10.62 2.99
C PHE B 85 26.30 -9.38 3.54
N ILE B 86 27.38 -8.95 2.87
CA ILE B 86 28.13 -7.77 3.31
C ILE B 86 28.08 -6.72 2.22
N THR B 87 27.65 -5.52 2.60
CA THR B 87 27.57 -4.39 1.68
C THR B 87 28.58 -3.33 2.08
N SER B 88 29.08 -2.61 1.10
CA SER B 88 29.87 -1.42 1.37
C SER B 88 29.69 -0.49 0.17
N LYS B 89 30.27 0.70 0.27
CA LYS B 89 29.87 1.76 -0.63
C LYS B 89 31.09 2.55 -1.09
N LEU B 90 30.99 3.03 -2.32
CA LEU B 90 31.97 3.90 -2.95
C LEU B 90 31.70 5.37 -2.59
N TRP B 91 32.67 6.04 -1.98
CA TRP B 91 32.43 7.42 -1.58
C TRP B 91 32.64 8.40 -2.75
N ASN B 92 32.12 9.61 -2.58
CA ASN B 92 32.07 10.58 -3.67
C ASN B 92 33.45 10.93 -4.22
N ASP B 93 34.51 10.77 -3.42
CA ASP B 93 35.84 11.12 -3.87
C ASP B 93 36.51 9.99 -4.64
N ARG B 94 35.82 8.87 -4.84
CA ARG B 94 36.38 7.76 -5.56
C ARG B 94 35.62 7.44 -6.85
N HIS B 95 34.95 8.44 -7.45
CA HIS B 95 34.17 8.20 -8.67
C HIS B 95 35.02 8.09 -9.94
N ALA B 96 36.29 8.49 -9.92
CA ALA B 96 37.10 8.34 -11.13
C ALA B 96 37.28 6.85 -11.42
N PRO B 97 37.13 6.42 -12.68
CA PRO B 97 37.17 4.99 -12.99
C PRO B 97 38.42 4.30 -12.50
N GLU B 98 39.57 4.97 -12.60
CA GLU B 98 40.80 4.41 -12.05
C GLU B 98 40.73 4.27 -10.53
N ASP B 99 39.90 5.08 -9.84
CA ASP B 99 39.84 4.99 -8.39
C ASP B 99 38.83 3.96 -7.88
N VAL B 100 37.81 3.63 -8.68
CA VAL B 100 36.74 2.76 -8.19
C VAL B 100 37.27 1.41 -7.71
N PRO B 101 38.02 0.63 -8.50
CA PRO B 101 38.45 -0.69 -8.00
C PRO B 101 39.45 -0.60 -6.87
N GLU B 102 40.27 0.46 -6.85
CA GLU B 102 41.20 0.67 -5.76
C GLU B 102 40.46 0.91 -4.45
N ALA B 103 39.39 1.72 -4.51
CA ALA B 103 38.53 1.92 -3.34
C ALA B 103 37.90 0.62 -2.87
N LEU B 104 37.40 -0.21 -3.80
CA LEU B 104 36.82 -1.49 -3.41
C LEU B 104 37.85 -2.38 -2.72
N ASN B 105 39.05 -2.50 -3.32
CA ASN B 105 40.13 -3.26 -2.70
C ASN B 105 40.43 -2.75 -1.28
N GLU B 106 40.42 -1.43 -1.07
CA GLU B 106 40.65 -0.88 0.26
C GLU B 106 39.60 -1.37 1.24
N SER B 107 38.33 -1.34 0.85
CA SER B 107 37.28 -1.84 1.73
C SER B 107 37.41 -3.33 1.96
N LEU B 108 37.74 -4.08 0.90
CA LEU B 108 37.95 -5.52 1.01
C LEU B 108 39.07 -5.85 1.98
N THR B 109 40.14 -5.04 1.94
CA THR B 109 41.25 -5.23 2.86
C THR B 109 40.83 -4.91 4.29
N ASP B 110 40.19 -3.74 4.49
CA ASP B 110 39.76 -3.38 5.84
C ASP B 110 38.81 -4.42 6.42
N LEU B 111 37.86 -4.90 5.62
CA LEU B 111 36.94 -5.91 6.09
C LEU B 111 37.54 -7.30 6.10
N GLN B 112 38.71 -7.46 5.49
CA GLN B 112 39.38 -8.76 5.42
C GLN B 112 38.52 -9.79 4.69
N LEU B 113 37.93 -9.38 3.56
CA LEU B 113 37.12 -10.25 2.73
C LEU B 113 37.71 -10.33 1.33
N ASP B 114 37.36 -11.41 0.62
CA ASP B 114 37.74 -11.60 -0.77
C ASP B 114 36.74 -11.00 -1.75
N TYR B 115 35.47 -10.92 -1.35
CA TYR B 115 34.44 -10.33 -2.18
C TYR B 115 33.44 -9.63 -1.28
N LEU B 116 32.75 -8.65 -1.86
CA LEU B 116 31.57 -8.06 -1.26
C LEU B 116 30.33 -8.63 -1.95
N ASP B 117 29.24 -8.78 -1.19
CA ASP B 117 27.99 -9.19 -1.81
C ASP B 117 27.29 -8.06 -2.53
N LEU B 118 27.61 -6.81 -2.17
CA LEU B 118 26.97 -5.63 -2.75
C LEU B 118 27.91 -4.45 -2.59
N TYR B 119 28.13 -3.72 -3.68
CA TYR B 119 28.93 -2.51 -3.67
C TYR B 119 28.12 -1.42 -4.35
N LEU B 120 27.89 -0.32 -3.62
CA LEU B 120 26.97 0.72 -4.06
C LEU B 120 27.69 2.04 -4.28
N ILE B 121 27.25 2.78 -5.31
CA ILE B 121 27.62 4.19 -5.39
C ILE B 121 26.87 4.92 -4.29
N HIS B 122 27.61 5.52 -3.34
CA HIS B 122 27.01 6.07 -2.13
C HIS B 122 26.08 7.23 -2.44
N TRP B 123 26.55 8.18 -3.24
CA TRP B 123 25.79 9.34 -3.66
C TRP B 123 26.08 9.57 -5.14
N PRO B 124 25.13 10.13 -5.88
CA PRO B 124 25.44 10.57 -7.26
C PRO B 124 26.11 11.94 -7.24
N PHE B 125 27.25 12.00 -6.55
CA PHE B 125 28.03 13.22 -6.42
C PHE B 125 29.51 12.86 -6.41
N ARG B 126 30.34 13.80 -6.84
CA ARG B 126 31.76 13.55 -7.02
C ARG B 126 32.60 14.72 -6.54
N VAL B 127 33.68 14.42 -5.81
CA VAL B 127 34.69 15.41 -5.47
C VAL B 127 36.07 14.82 -5.78
N LYS B 128 37.05 15.71 -5.89
CA LYS B 128 38.45 15.31 -6.03
C LYS B 128 38.83 14.30 -4.96
N LYS B 129 39.56 13.26 -5.39
CA LYS B 129 40.01 12.21 -4.49
C LYS B 129 40.77 12.76 -3.30
N GLY B 130 40.39 12.29 -2.11
CA GLY B 130 41.04 12.67 -0.89
C GLY B 130 40.64 14.02 -0.34
N THR B 131 39.71 14.73 -0.98
CA THR B 131 39.23 16.01 -0.46
C THR B 131 37.82 15.85 0.13
N ASN B 132 37.31 16.96 0.65
CA ASN B 132 36.03 17.00 1.34
C ASN B 132 34.99 17.74 0.50
N THR B 133 33.75 17.79 0.99
CA THR B 133 32.62 18.31 0.21
C THR B 133 32.60 19.85 0.22
N SER B 134 33.57 20.43 -0.45
CA SER B 134 33.55 21.87 -0.55
C SER B 134 33.70 22.30 -2.01
N PRO B 135 32.95 23.35 -2.44
CA PRO B 135 32.90 23.74 -3.87
C PRO B 135 34.19 23.69 -4.68
N GLU B 136 35.35 24.10 -4.10
CA GLU B 136 36.61 23.99 -4.83
C GLU B 136 36.91 22.55 -5.24
N ASN B 137 36.26 21.56 -4.64
CA ASN B 137 36.57 20.17 -4.92
C ASN B 137 35.52 19.49 -5.78
N PHE B 138 34.53 20.22 -6.28
CA PHE B 138 33.48 19.57 -7.06
C PHE B 138 34.02 19.18 -8.43
N ILE B 139 33.76 17.94 -8.82
CA ILE B 139 33.94 17.49 -10.19
C ILE B 139 32.57 17.06 -10.70
N THR B 140 32.18 17.57 -11.86
CA THR B 140 30.93 17.14 -12.49
C THR B 140 30.89 15.61 -12.57
N PRO B 141 29.87 14.97 -12.02
CA PRO B 141 29.83 13.51 -12.06
C PRO B 141 29.65 12.99 -13.47
N ASP B 142 30.23 11.83 -13.71
CA ASP B 142 29.97 11.01 -14.89
C ASP B 142 29.54 9.65 -14.36
N ILE B 143 28.26 9.52 -14.01
CA ILE B 143 27.76 8.26 -13.46
C ILE B 143 28.00 7.09 -14.41
N PRO B 144 27.67 7.16 -15.70
CA PRO B 144 27.95 5.99 -16.57
C PRO B 144 29.41 5.56 -16.56
N ALA B 145 30.36 6.51 -16.58
CA ALA B 145 31.77 6.13 -16.52
C ALA B 145 32.08 5.45 -15.20
N THR B 146 31.59 6.02 -14.10
CA THR B 146 31.78 5.39 -12.80
C THR B 146 31.15 4.03 -12.78
N TRP B 147 30.00 3.90 -13.44
CA TRP B 147 29.27 2.64 -13.45
C TRP B 147 30.03 1.58 -14.22
N GLY B 148 30.62 1.96 -15.35
CA GLY B 148 31.52 1.06 -16.07
C GLY B 148 32.57 0.43 -15.17
N ALA B 149 33.21 1.24 -14.32
CA ALA B 149 34.24 0.68 -13.43
C ALA B 149 33.61 -0.23 -12.39
N MET B 150 32.39 0.10 -11.93
CA MET B 150 31.65 -0.83 -11.10
C MET B 150 31.36 -2.11 -11.86
N GLU B 151 30.98 -1.99 -13.14
CA GLU B 151 30.74 -3.19 -13.93
C GLU B 151 31.99 -4.08 -13.98
N LYS B 152 33.18 -3.48 -14.14
CA LYS B 152 34.41 -4.27 -14.17
C LYS B 152 34.64 -5.05 -12.87
N CYS B 153 34.42 -4.42 -11.72
CA CYS B 153 34.61 -5.13 -10.44
C CYS B 153 33.65 -6.28 -10.30
N TYR B 154 32.42 -6.10 -10.80
CA TYR B 154 31.44 -7.18 -10.81
C TYR B 154 31.91 -8.31 -11.70
N ASP B 155 32.39 -7.97 -12.92
CA ASP B 155 32.94 -8.96 -13.83
C ASP B 155 34.05 -9.78 -13.17
N ALA B 156 34.81 -9.17 -12.25
CA ALA B 156 35.93 -9.86 -11.64
C ALA B 156 35.54 -10.63 -10.39
N GLY B 157 34.25 -10.66 -10.04
CA GLY B 157 33.79 -11.33 -8.85
C GLY B 157 34.10 -10.61 -7.55
N LYS B 158 34.66 -9.40 -7.59
CA LYS B 158 35.01 -8.70 -6.35
C LYS B 158 33.77 -8.14 -5.68
N ALA B 159 32.75 -7.83 -6.47
CA ALA B 159 31.44 -7.43 -5.98
C ALA B 159 30.40 -8.28 -6.70
N ARG B 160 29.72 -9.15 -5.96
CA ARG B 160 28.80 -10.09 -6.59
C ARG B 160 27.51 -9.44 -7.06
N ALA B 161 27.16 -8.28 -6.50
CA ALA B 161 26.15 -7.40 -7.04
C ALA B 161 26.63 -5.95 -6.88
N ILE B 162 26.24 -5.10 -7.82
CA ILE B 162 26.53 -3.68 -7.75
C ILE B 162 25.22 -2.89 -7.81
N GLY B 163 25.22 -1.72 -7.16
CA GLY B 163 24.05 -0.86 -7.17
C GLY B 163 24.36 0.55 -6.78
N VAL B 164 23.32 1.27 -6.33
CA VAL B 164 23.41 2.70 -6.03
C VAL B 164 22.68 3.02 -4.74
N SER B 165 22.86 4.27 -4.28
CA SER B 165 22.23 4.80 -3.09
C SER B 165 21.83 6.24 -3.36
N ASN B 166 20.67 6.67 -2.85
CA ASN B 166 20.21 8.06 -3.00
C ASN B 166 20.00 8.45 -4.45
N PHE B 167 19.68 7.48 -5.31
CA PHE B 167 19.24 7.76 -6.67
C PHE B 167 17.72 7.86 -6.69
N SER B 168 17.21 9.00 -7.14
CA SER B 168 15.78 9.09 -7.40
C SER B 168 15.41 8.20 -8.58
N SER B 169 14.10 8.03 -8.75
CA SER B 169 13.66 7.12 -9.80
C SER B 169 14.07 7.62 -11.19
N LYS B 170 14.10 8.94 -11.38
CA LYS B 170 14.62 9.50 -12.63
C LYS B 170 16.11 9.19 -12.82
N LYS B 171 16.93 9.35 -11.78
CA LYS B 171 18.34 9.08 -11.93
C LYS B 171 18.59 7.59 -12.09
N LEU B 172 17.86 6.76 -11.32
CA LEU B 172 17.98 5.32 -11.47
C LEU B 172 17.54 4.85 -12.86
N GLY B 173 16.52 5.52 -13.42
CA GLY B 173 16.13 5.18 -14.78
C GLY B 173 17.18 5.58 -15.80
N ASP B 174 17.75 6.79 -15.67
CA ASP B 174 18.76 7.21 -16.62
C ASP B 174 19.96 6.27 -16.59
N LEU B 175 20.32 5.76 -15.42
CA LEU B 175 21.44 4.83 -15.33
C LEU B 175 21.07 3.48 -15.97
N LEU B 176 19.92 2.91 -15.60
CA LEU B 176 19.45 1.65 -16.18
C LEU B 176 19.46 1.65 -17.70
N ALA B 177 19.14 2.79 -18.32
CA ALA B 177 19.00 2.85 -19.76
C ALA B 177 20.33 2.72 -20.50
N VAL B 178 21.46 2.88 -19.80
CA VAL B 178 22.78 2.78 -20.41
C VAL B 178 23.58 1.62 -19.86
N ALA B 179 23.14 1.01 -18.74
CA ALA B 179 23.91 0.04 -18.00
C ALA B 179 23.92 -1.32 -18.69
N ARG B 180 25.10 -1.94 -18.76
CA ARG B 180 25.18 -3.33 -19.20
C ARG B 180 24.75 -4.28 -18.08
N VAL B 181 25.32 -4.10 -16.90
CA VAL B 181 24.83 -4.81 -15.71
C VAL B 181 23.79 -3.88 -15.11
N HIS B 182 22.52 -4.25 -15.21
CA HIS B 182 21.47 -3.38 -14.70
C HIS B 182 21.66 -3.37 -13.17
N PRO B 183 21.61 -2.21 -12.49
CA PRO B 183 21.92 -2.17 -11.04
C PRO B 183 20.95 -3.00 -10.21
N ALA B 184 21.45 -3.51 -9.09
CA ALA B 184 20.72 -4.53 -8.35
C ALA B 184 19.93 -3.97 -7.18
N VAL B 185 20.41 -2.87 -6.59
CA VAL B 185 19.80 -2.25 -5.42
C VAL B 185 19.85 -0.72 -5.56
N ASP B 186 18.80 -0.06 -5.07
CA ASP B 186 18.84 1.36 -4.72
C ASP B 186 18.58 1.47 -3.22
N GLN B 187 19.58 1.97 -2.49
CA GLN B 187 19.47 2.19 -1.05
C GLN B 187 19.05 3.63 -0.79
N VAL B 188 17.93 3.80 -0.08
CA VAL B 188 17.32 5.12 0.07
C VAL B 188 16.68 5.18 1.45
N GLU B 189 16.52 6.40 1.93
CA GLU B 189 15.70 6.63 3.12
C GLU B 189 14.29 6.14 2.82
N CYS B 190 13.79 5.24 3.68
CA CYS B 190 12.42 4.77 3.54
C CYS B 190 11.92 4.30 4.90
N HIS B 191 10.83 4.91 5.35
CA HIS B 191 10.26 4.64 6.66
C HIS B 191 8.86 5.25 6.66
N PRO B 192 8.05 5.03 7.70
CA PRO B 192 6.67 5.53 7.62
C PRO B 192 6.55 7.03 7.40
N GLY B 193 7.54 7.81 7.85
CA GLY B 193 7.57 9.23 7.57
C GLY B 193 7.98 9.61 6.16
N TRP B 194 8.46 8.66 5.37
CA TRP B 194 8.95 8.93 4.01
C TRP B 194 8.83 7.63 3.22
N GLN B 195 7.63 7.39 2.66
CA GLN B 195 7.27 6.04 2.21
C GLN B 195 7.76 5.74 0.80
N GLN B 196 8.20 6.76 0.05
CA GLN B 196 8.92 6.57 -1.22
C GLN B 196 8.05 5.84 -2.24
N THR B 197 6.75 6.13 -2.25
CA THR B 197 5.82 5.38 -3.08
C THR B 197 6.22 5.41 -4.55
N LYS B 198 6.60 6.57 -5.06
CA LYS B 198 6.97 6.67 -6.46
C LYS B 198 8.18 5.78 -6.77
N LEU B 199 9.26 5.93 -6.01
CA LEU B 199 10.43 5.13 -6.26
C LEU B 199 10.14 3.65 -6.02
N HIS B 200 9.37 3.36 -4.98
CA HIS B 200 8.91 1.98 -4.76
C HIS B 200 8.25 1.41 -6.00
N ASN B 201 7.33 2.15 -6.62
CA ASN B 201 6.68 1.64 -7.83
C ASN B 201 7.69 1.48 -8.96
N PHE B 202 8.60 2.44 -9.09
CA PHE B 202 9.54 2.42 -10.22
C PHE B 202 10.50 1.24 -10.12
N CYS B 203 11.01 0.96 -8.90
CA CYS B 203 11.89 -0.16 -8.66
C CYS B 203 11.21 -1.48 -9.04
N GLN B 204 9.94 -1.60 -8.67
CA GLN B 204 9.20 -2.80 -9.06
C GLN B 204 9.07 -2.88 -10.57
N SER B 205 8.85 -1.75 -11.24
CA SER B 205 8.76 -1.80 -12.70
C SER B 205 10.09 -2.14 -13.37
N THR B 206 11.21 -2.06 -12.65
CA THR B 206 12.55 -2.24 -13.22
C THR B 206 13.28 -3.47 -12.72
N GLY B 207 12.77 -4.15 -11.70
CA GLY B 207 13.52 -5.25 -11.10
C GLY B 207 14.66 -4.82 -10.21
N VAL B 208 14.73 -3.55 -9.83
CA VAL B 208 15.73 -3.10 -8.86
C VAL B 208 15.13 -3.28 -7.46
N HIS B 209 15.90 -3.88 -6.57
CA HIS B 209 15.48 -3.98 -5.18
C HIS B 209 15.69 -2.66 -4.43
N LEU B 210 14.77 -2.34 -3.51
CA LEU B 210 14.89 -1.15 -2.65
C LEU B 210 15.28 -1.56 -1.23
N THR B 211 16.47 -1.16 -0.80
CA THR B 211 16.88 -1.28 0.61
C THR B 211 16.55 0.01 1.33
N ALA B 212 15.78 -0.08 2.41
CA ALA B 212 15.33 1.08 3.18
C ALA B 212 16.40 1.43 4.22
N TYR B 213 17.04 2.57 4.06
CA TYR B 213 17.92 2.97 5.14
C TYR B 213 17.18 3.95 6.04
N SER B 214 17.76 4.14 7.23
CA SER B 214 17.12 4.82 8.35
C SER B 214 15.69 4.31 8.53
N PRO B 215 15.50 2.98 8.66
CA PRO B 215 14.13 2.44 8.65
C PRO B 215 13.30 2.90 9.83
N LEU B 216 13.93 3.36 10.91
CA LEU B 216 13.21 3.89 12.05
C LEU B 216 13.05 5.41 12.02
N GLY B 217 13.46 6.05 10.92
CA GLY B 217 13.48 7.51 10.91
C GLY B 217 14.68 8.12 11.62
N SER B 218 15.70 7.32 11.88
CA SER B 218 16.95 7.78 12.48
C SER B 218 16.68 8.61 13.73
N PRO B 219 15.96 8.05 14.72
CA PRO B 219 15.61 8.84 15.90
C PRO B 219 16.84 9.33 16.67
N GLY B 220 17.85 8.46 16.81
CA GLY B 220 19.02 8.82 17.59
C GLY B 220 19.74 10.06 17.06
N THR B 221 19.80 10.20 15.75
CA THR B 221 20.48 11.35 15.16
C THR B 221 19.67 12.62 15.42
N THR B 222 19.90 13.24 16.58
CA THR B 222 19.10 14.37 17.08
C THR B 222 19.14 15.58 16.16
N TRP B 223 20.14 15.71 15.28
CA TRP B 223 20.19 16.86 14.39
C TRP B 223 19.05 16.83 13.36
N MET B 224 18.81 15.66 12.74
CA MET B 224 17.64 15.46 11.87
C MET B 224 16.68 14.44 12.47
N ASN B 225 16.11 14.72 13.63
CA ASN B 225 15.43 13.68 14.38
C ASN B 225 14.04 13.42 13.79
N GLY B 226 13.86 12.20 13.27
CA GLY B 226 12.52 11.77 12.94
C GLY B 226 11.72 11.49 14.20
N ASN B 227 10.40 11.68 14.10
CA ASN B 227 9.51 11.35 15.21
C ASN B 227 8.56 10.23 14.78
N VAL B 228 9.04 9.37 13.88
CA VAL B 228 8.22 8.32 13.31
C VAL B 228 7.75 7.33 14.38
N LEU B 229 8.64 6.97 15.30
CA LEU B 229 8.25 6.02 16.34
C LEU B 229 7.23 6.60 17.34
N LYS B 230 6.92 7.89 17.27
CA LYS B 230 5.81 8.40 18.07
C LYS B 230 4.71 9.00 17.21
N GLU B 231 4.60 8.57 15.96
CA GLU B 231 3.41 8.87 15.20
C GLU B 231 2.20 8.15 15.81
N PRO B 232 1.08 8.84 15.98
CA PRO B 232 -0.10 8.17 16.55
C PRO B 232 -0.53 6.92 15.76
N VAL B 233 -0.52 6.99 14.44
CA VAL B 233 -0.83 5.81 13.64
C VAL B 233 0.05 4.63 14.07
N ILE B 234 1.35 4.88 14.28
CA ILE B 234 2.27 3.79 14.62
C ILE B 234 1.96 3.23 16.00
N ILE B 235 1.73 4.11 16.99
CA ILE B 235 1.48 3.62 18.35
C ILE B 235 0.16 2.89 18.40
N SER B 236 -0.89 3.49 17.83
CA SER B 236 -2.18 2.83 17.69
C SER B 236 -2.01 1.41 17.15
N ILE B 237 -1.36 1.27 15.99
CA ILE B 237 -1.14 -0.04 15.38
C ILE B 237 -0.28 -0.92 16.30
N ALA B 238 0.74 -0.33 16.92
CA ALA B 238 1.58 -1.12 17.82
C ALA B 238 0.77 -1.69 18.97
N GLU B 239 -0.08 -0.86 19.58
CA GLU B 239 -1.03 -1.32 20.60
C GLU B 239 -1.94 -2.42 20.06
N LYS B 240 -2.58 -2.21 18.91
CA LYS B 240 -3.52 -3.22 18.42
C LYS B 240 -2.85 -4.56 18.17
N LEU B 241 -1.58 -4.56 17.75
CA LEU B 241 -0.92 -5.80 17.34
C LEU B 241 0.04 -6.34 18.39
N GLY B 242 0.09 -5.73 19.57
CA GLY B 242 0.94 -6.25 20.63
C GLY B 242 2.42 -6.21 20.28
N LYS B 243 2.88 -5.16 19.61
CA LYS B 243 4.25 -5.06 19.15
C LYS B 243 4.75 -3.65 19.42
N THR B 244 6.06 -3.48 19.36
CA THR B 244 6.63 -2.15 19.58
C THR B 244 6.46 -1.29 18.33
N PRO B 245 6.55 0.03 18.49
CA PRO B 245 6.55 0.90 17.29
C PRO B 245 7.69 0.59 16.33
N ALA B 246 8.87 0.23 16.86
CA ALA B 246 9.97 -0.14 15.97
C ALA B 246 9.61 -1.38 15.16
N GLN B 247 8.92 -2.33 15.79
CA GLN B 247 8.50 -3.49 15.04
C GLN B 247 7.51 -3.09 13.96
N VAL B 248 6.60 -2.20 14.27
CA VAL B 248 5.59 -1.84 13.28
C VAL B 248 6.26 -1.17 12.08
N ALA B 249 7.16 -0.22 12.34
CA ALA B 249 7.83 0.49 11.25
C ALA B 249 8.70 -0.46 10.43
N LEU B 250 9.51 -1.28 11.09
CA LEU B 250 10.32 -2.25 10.38
C LEU B 250 9.43 -3.16 9.54
N ARG B 251 8.34 -3.67 10.13
CA ARG B 251 7.48 -4.62 9.44
C ARG B 251 6.78 -3.97 8.25
N TRP B 252 6.38 -2.70 8.39
CA TRP B 252 5.75 -2.03 7.26
C TRP B 252 6.63 -2.11 6.01
N ASN B 253 7.93 -1.85 6.17
CA ASN B 253 8.82 -1.84 5.02
C ASN B 253 8.94 -3.22 4.40
N ILE B 254 9.11 -4.24 5.27
CA ILE B 254 9.24 -5.61 4.76
C ILE B 254 7.99 -6.02 3.99
N GLN B 255 6.81 -5.60 4.46
CA GLN B 255 5.60 -5.92 3.73
C GLN B 255 5.53 -5.20 2.37
N MET B 256 6.13 -4.02 2.24
CA MET B 256 6.17 -3.39 0.92
C MET B 256 7.20 -4.02 0.00
N GLY B 257 7.97 -5.00 0.47
CA GLY B 257 8.99 -5.67 -0.32
C GLY B 257 10.38 -5.11 -0.23
N HIS B 258 10.72 -4.39 0.85
CA HIS B 258 11.99 -3.68 1.02
C HIS B 258 12.82 -4.32 2.13
N SER B 259 14.12 -4.42 1.92
CA SER B 259 14.97 -4.72 3.06
C SER B 259 15.09 -3.50 3.95
N VAL B 260 15.49 -3.74 5.20
CA VAL B 260 15.65 -2.67 6.19
C VAL B 260 17.02 -2.79 6.85
N LEU B 261 17.60 -1.64 7.21
CA LEU B 261 18.90 -1.60 7.89
C LEU B 261 18.80 -0.93 9.27
N PRO B 262 18.06 -1.50 10.21
CA PRO B 262 18.02 -0.91 11.55
C PRO B 262 19.42 -0.82 12.16
N LYS B 263 19.71 0.32 12.77
CA LYS B 263 20.98 0.59 13.42
C LYS B 263 20.79 0.45 14.93
N SER B 264 21.62 -0.37 15.56
CA SER B 264 21.59 -0.36 17.01
C SER B 264 22.87 -0.96 17.58
N THR B 265 23.26 -0.42 18.74
CA THR B 265 24.28 -1.00 19.60
C THR B 265 23.70 -1.64 20.84
N ASN B 266 22.38 -1.55 21.04
CA ASN B 266 21.71 -2.22 22.16
C ASN B 266 21.36 -3.66 21.80
N GLU B 267 21.78 -4.60 22.65
CA GLU B 267 21.55 -6.01 22.39
C GLU B 267 20.06 -6.36 22.34
N GLU B 268 19.25 -5.76 23.21
CA GLU B 268 17.83 -6.11 23.22
C GLU B 268 17.10 -5.54 22.02
N ARG B 269 17.47 -4.33 21.61
CA ARG B 269 16.89 -3.77 20.40
C ARG B 269 17.43 -4.47 19.16
N ILE B 270 18.69 -4.91 19.21
CA ILE B 270 19.24 -5.71 18.13
C ILE B 270 18.41 -6.97 17.95
N LYS B 271 18.10 -7.66 19.05
CA LYS B 271 17.28 -8.86 18.97
C LYS B 271 15.87 -8.53 18.54
N GLN B 272 15.27 -7.50 19.16
CA GLN B 272 13.91 -7.10 18.83
C GLN B 272 13.75 -6.80 17.34
N ASN B 273 14.79 -6.22 16.73
CA ASN B 273 14.72 -5.80 15.33
C ASN B 273 14.69 -6.96 14.35
N LEU B 274 14.99 -8.19 14.80
CA LEU B 274 14.81 -9.37 13.96
C LEU B 274 13.39 -9.92 14.01
N ASP B 275 12.53 -9.43 14.92
CA ASP B 275 11.23 -10.06 15.19
C ASP B 275 10.14 -9.44 14.31
N VAL B 276 10.24 -9.70 13.01
CA VAL B 276 9.36 -9.00 12.08
C VAL B 276 8.88 -9.90 10.95
N TYR B 277 8.93 -11.20 11.16
CA TYR B 277 8.58 -12.14 10.09
C TYR B 277 7.32 -12.92 10.35
N ASP B 278 7.13 -13.36 11.60
CA ASP B 278 6.11 -14.32 11.95
C ASP B 278 4.79 -13.66 12.35
N TRP B 279 4.62 -12.38 12.07
CA TRP B 279 3.35 -11.70 12.24
C TRP B 279 3.23 -10.71 11.08
N SER B 280 2.14 -9.94 11.04
CA SER B 280 1.94 -9.06 9.90
C SER B 280 1.12 -7.84 10.31
N ILE B 281 0.95 -6.94 9.36
CA ILE B 281 0.10 -5.76 9.51
C ILE B 281 -1.14 -5.99 8.65
N PRO B 282 -2.33 -6.04 9.23
CA PRO B 282 -3.53 -6.34 8.44
C PRO B 282 -3.87 -5.19 7.49
N ASP B 283 -4.60 -5.53 6.42
CA ASP B 283 -4.80 -4.59 5.34
C ASP B 283 -5.46 -3.29 5.78
N ASP B 284 -6.30 -3.34 6.83
CA ASP B 284 -7.05 -2.15 7.27
C ASP B 284 -6.16 -1.16 8.02
N LEU B 285 -5.20 -1.67 8.80
CA LEU B 285 -4.19 -0.83 9.46
C LEU B 285 -3.15 -0.34 8.46
N LEU B 286 -2.81 -1.17 7.47
CA LEU B 286 -1.86 -0.74 6.46
C LEU B 286 -2.40 0.43 5.67
N ALA B 287 -3.72 0.48 5.49
CA ALA B 287 -4.31 1.59 4.79
C ALA B 287 -4.14 2.90 5.56
N LYS B 288 -3.85 2.84 6.86
CA LYS B 288 -3.73 4.06 7.66
C LYS B 288 -2.35 4.70 7.59
N PHE B 289 -1.39 4.07 6.90
CA PHE B 289 -0.09 4.73 6.70
C PHE B 289 -0.23 5.94 5.79
N SER B 290 -1.23 5.92 4.93
CA SER B 290 -1.59 7.10 4.14
C SER B 290 -1.84 8.34 4.99
N GLU B 291 -2.11 8.19 6.27
CA GLU B 291 -2.43 9.33 7.11
C GLU B 291 -1.20 10.03 7.66
N ILE B 292 -0.06 9.33 7.74
CA ILE B 292 1.13 9.90 8.36
C ILE B 292 1.69 11.00 7.46
N LYS B 293 2.18 12.08 8.07
CA LYS B 293 2.75 13.17 7.30
C LYS B 293 4.14 12.80 6.77
N GLN B 294 4.43 13.30 5.57
CA GLN B 294 5.63 12.92 4.85
C GLN B 294 6.65 14.05 4.87
N ALA B 295 7.87 13.72 5.29
CA ALA B 295 8.99 14.64 5.24
C ALA B 295 10.26 13.81 5.08
N ARG B 296 11.12 14.22 4.14
CA ARG B 296 12.41 13.57 4.00
C ARG B 296 13.37 14.12 5.05
N LEU B 297 14.01 13.23 5.81
CA LEU B 297 14.86 13.59 6.92
C LEU B 297 16.31 13.87 6.52
N LEU B 298 16.87 13.11 5.57
CA LEU B 298 18.26 13.34 5.14
C LEU B 298 18.20 13.97 3.75
N ARG B 299 18.24 15.29 3.73
CA ARG B 299 17.81 16.03 2.56
C ARG B 299 18.93 16.26 1.55
N GLY B 300 20.17 15.94 1.88
CA GLY B 300 21.28 16.14 0.96
C GLY B 300 21.77 17.56 0.85
N ASN B 301 21.72 18.35 1.95
CA ASN B 301 22.15 19.74 1.89
C ASN B 301 23.64 19.88 1.52
N PHE B 302 24.46 18.92 1.91
CA PHE B 302 25.89 19.06 1.66
C PHE B 302 26.24 19.05 0.18
N ILE B 303 25.33 18.67 -0.72
CA ILE B 303 25.61 18.65 -2.16
C ILE B 303 24.64 19.53 -2.94
N VAL B 304 23.79 20.29 -2.25
CA VAL B 304 22.98 21.35 -2.84
C VAL B 304 23.72 22.66 -2.64
N ASN B 305 24.06 23.31 -3.72
CA ASN B 305 25.02 24.40 -3.66
C ASN B 305 24.96 25.17 -4.96
N PRO B 306 25.24 26.47 -4.94
CA PRO B 306 25.28 27.23 -6.20
C PRO B 306 26.34 26.73 -7.18
N GLN B 307 27.38 26.03 -6.71
CA GLN B 307 28.44 25.49 -7.56
C GLN B 307 28.25 24.01 -7.89
N SER B 308 27.26 23.34 -7.32
CA SER B 308 27.04 21.93 -7.60
C SER B 308 26.25 21.77 -8.90
N VAL B 309 26.23 20.53 -9.42
CA VAL B 309 25.27 20.22 -10.49
C VAL B 309 23.85 20.27 -9.96
N TYR B 310 23.66 20.12 -8.65
CA TYR B 310 22.35 20.30 -8.02
C TYR B 310 22.38 21.64 -7.28
N LYS B 311 21.79 22.66 -7.91
CA LYS B 311 21.60 23.97 -7.29
C LYS B 311 20.38 24.03 -6.38
N THR B 312 19.49 23.04 -6.45
CA THR B 312 18.29 22.99 -5.63
C THR B 312 18.09 21.57 -5.16
N HIS B 313 17.44 21.42 -4.00
CA HIS B 313 17.10 20.08 -3.52
C HIS B 313 16.25 19.35 -4.52
N GLU B 314 15.37 20.07 -5.22
CA GLU B 314 14.50 19.40 -6.17
C GLU B 314 15.28 18.83 -7.35
N GLU B 315 16.41 19.43 -7.72
CA GLU B 315 17.22 18.84 -8.79
C GLU B 315 17.88 17.56 -8.32
N LEU B 316 18.36 17.54 -7.06
CA LEU B 316 19.05 16.35 -6.59
C LEU B 316 18.11 15.16 -6.57
N TRP B 317 16.92 15.35 -5.97
CA TRP B 317 15.92 14.31 -5.77
C TRP B 317 14.90 14.19 -6.91
N ASP B 318 14.97 15.08 -7.91
CA ASP B 318 14.11 15.00 -9.09
C ASP B 318 12.63 14.99 -8.69
N GLY B 319 12.22 16.05 -7.97
CA GLY B 319 10.85 16.24 -7.55
C GLY B 319 10.38 15.34 -6.43
N GLU B 320 11.12 14.29 -6.11
CA GLU B 320 10.76 13.37 -5.03
C GLU B 320 11.21 14.04 -3.74
N LEU B 321 10.34 14.89 -3.22
CA LEU B 321 10.65 15.85 -2.17
C LEU B 321 9.37 16.61 -1.77
#